data_3MPB
#
_entry.id   3MPB
#
_cell.length_a   53.425
_cell.length_b   75.699
_cell.length_c   62.022
_cell.angle_alpha   90.00
_cell.angle_beta   106.54
_cell.angle_gamma   90.00
#
_symmetry.space_group_name_H-M   'P 1 21 1'
#
loop_
_entity.id
_entity.type
_entity.pdbx_description
1 polymer 'Sugar isomerase'
2 non-polymer 'MANGANESE (II) ION'
3 non-polymer 'ACETATE ION'
4 non-polymer beta-D-fructofuranose
5 non-polymer GLYCEROL
6 water water
#
_entity_poly.entity_id   1
_entity_poly.type   'polypeptide(L)'
_entity_poly.pdbx_seq_one_letter_code
;MGSSHHHHHHSSGLVPRGSMKRSAINDILGHTRQFFSQHDVHLPPFASFSPAQWQQLDTAAWEEVFDLKLGWDVTAFGRN
NFAAHGLTLFTLRNGSAKGMPYVKCYAEKIMHVRDAQVTPMHFHWRKREDIINRGGGNLIVELWNADSNEQTADSDITVV
IDGCRQKHTAGSQLRLSPGESICLPPGLYHSFWAEAGFGDVLVGEVSSVNDDDHDNHFLQPLDRYNLIDEDEPAQLVLCN
EYRQFR
;
_entity_poly.pdbx_strand_id   A,B
#
# COMPACT_ATOMS: atom_id res chain seq x y z
N MET A 20 -4.42 -21.81 21.70
CA MET A 20 -4.35 -20.35 21.97
C MET A 20 -5.68 -19.84 22.52
N LYS A 21 -5.63 -19.09 23.61
CA LYS A 21 -6.85 -18.62 24.25
C LYS A 21 -7.45 -17.44 23.50
N ARG A 22 -8.78 -17.43 23.37
CA ARG A 22 -9.47 -16.27 22.80
C ARG A 22 -9.18 -15.01 23.63
N SER A 23 -9.06 -15.16 24.95
CA SER A 23 -8.72 -14.03 25.83
C SER A 23 -7.38 -13.37 25.47
N ALA A 24 -6.38 -14.20 25.14
CA ALA A 24 -5.11 -13.68 24.65
C ALA A 24 -5.28 -13.02 23.28
N ILE A 25 -6.06 -13.65 22.40
CA ILE A 25 -6.36 -13.07 21.07
C ILE A 25 -7.10 -11.73 21.21
N ASN A 26 -8.13 -11.70 22.05
CA ASN A 26 -8.84 -10.45 22.36
C ASN A 26 -7.86 -9.35 22.80
N ASP A 27 -6.99 -9.69 23.75
CA ASP A 27 -5.98 -8.77 24.28
C ASP A 27 -4.98 -8.28 23.22
N ILE A 28 -4.43 -9.21 22.45
CA ILE A 28 -3.46 -8.91 21.40
C ILE A 28 -4.08 -7.92 20.42
N LEU A 29 -5.29 -8.24 19.95
CA LEU A 29 -5.97 -7.42 18.97
C LEU A 29 -6.32 -6.04 19.52
N GLY A 30 -6.73 -6.00 20.79
CA GLY A 30 -6.97 -4.73 21.49
C GLY A 30 -5.74 -3.84 21.54
N HIS A 31 -4.59 -4.41 21.91
CA HIS A 31 -3.33 -3.66 21.94
C HIS A 31 -2.91 -3.21 20.54
N THR A 32 -3.06 -4.08 19.56
CA THR A 32 -2.70 -3.73 18.17
C THR A 32 -3.57 -2.62 17.60
N ARG A 33 -4.86 -2.65 17.90
CA ARG A 33 -5.75 -1.57 17.48
C ARG A 33 -5.33 -0.21 18.05
N GLN A 34 -4.93 -0.20 19.32
CA GLN A 34 -4.42 1.02 19.96
C GLN A 34 -3.13 1.49 19.28
N PHE A 35 -2.21 0.56 19.05
CA PHE A 35 -0.92 0.86 18.39
C PHE A 35 -1.16 1.48 17.03
N PHE A 36 -2.01 0.83 16.22
CA PHE A 36 -2.44 1.39 14.93
C PHE A 36 -2.96 2.82 15.14
N SER A 37 -3.90 2.99 16.07
CA SER A 37 -4.50 4.29 16.29
C SER A 37 -3.46 5.34 16.65
N GLN A 38 -2.50 4.98 17.51
CA GLN A 38 -1.39 5.87 17.90
C GLN A 38 -0.49 6.28 16.74
N HIS A 39 -0.51 5.48 15.66
CA HIS A 39 0.22 5.78 14.43
C HIS A 39 -0.67 6.36 13.33
N ASP A 40 -1.89 6.77 13.69
CA ASP A 40 -2.81 7.43 12.75
C ASP A 40 -3.16 6.47 11.59
N VAL A 41 -3.19 5.18 11.91
CA VAL A 41 -3.65 4.17 10.94
C VAL A 41 -5.15 4.05 11.13
N HIS A 42 -5.88 4.03 10.03
CA HIS A 42 -7.33 3.88 10.09
C HIS A 42 -7.71 2.68 9.24
N LEU A 43 -8.57 1.85 9.80
CA LEU A 43 -8.95 0.59 9.20
C LEU A 43 -10.38 0.71 8.65
N PRO A 44 -10.74 -0.12 7.67
CA PRO A 44 -12.12 -0.08 7.16
C PRO A 44 -13.11 -0.56 8.23
N PRO A 45 -14.41 -0.19 8.09
CA PRO A 45 -15.44 -0.58 9.04
C PRO A 45 -15.41 -2.05 9.46
N PHE A 46 -15.22 -2.98 8.51
CA PHE A 46 -15.26 -4.41 8.83
C PHE A 46 -14.18 -4.85 9.82
N ALA A 47 -13.14 -4.02 9.99
CA ALA A 47 -12.09 -4.30 10.98
C ALA A 47 -12.63 -4.37 12.41
N SER A 48 -13.78 -3.75 12.65
CA SER A 48 -14.32 -3.65 14.00
C SER A 48 -15.64 -4.42 14.22
N PHE A 49 -16.09 -5.18 13.20
CA PHE A 49 -17.33 -5.95 13.31
C PHE A 49 -17.20 -7.03 14.40
N SER A 50 -18.18 -7.08 15.29
CA SER A 50 -18.30 -8.18 16.25
C SER A 50 -18.77 -9.43 15.52
N PRO A 51 -18.55 -10.63 16.12
CA PRO A 51 -19.18 -11.83 15.51
C PRO A 51 -20.67 -11.67 15.21
N ALA A 52 -21.41 -11.00 16.10
CA ALA A 52 -22.84 -10.70 15.87
C ALA A 52 -23.09 -9.93 14.57
N GLN A 53 -22.29 -8.90 14.33
CA GLN A 53 -22.44 -8.08 13.12
C GLN A 53 -22.10 -8.85 11.84
N TRP A 54 -21.08 -9.70 11.91
CA TRP A 54 -20.75 -10.58 10.79
C TRP A 54 -21.94 -11.49 10.44
N GLN A 55 -22.67 -11.92 11.47
CA GLN A 55 -23.81 -12.83 11.31
C GLN A 55 -24.99 -12.20 10.58
N GLN A 56 -25.05 -10.87 10.56
CA GLN A 56 -26.18 -10.15 9.96
C GLN A 56 -25.86 -9.53 8.60
N LEU A 57 -24.70 -9.86 8.04
CA LEU A 57 -24.29 -9.28 6.75
C LEU A 57 -24.96 -9.98 5.57
N ASP A 58 -25.23 -9.21 4.52
CA ASP A 58 -25.66 -9.75 3.24
C ASP A 58 -24.49 -10.52 2.64
N THR A 59 -24.53 -11.85 2.76
CA THR A 59 -23.40 -12.71 2.36
C THR A 59 -23.05 -12.64 0.86
N ALA A 60 -24.01 -12.19 0.05
CA ALA A 60 -23.80 -12.00 -1.38
C ALA A 60 -22.91 -10.78 -1.66
N ALA A 61 -23.06 -9.73 -0.86
CA ALA A 61 -22.29 -8.50 -1.06
C ALA A 61 -20.85 -8.59 -0.50
N TRP A 62 -20.63 -9.51 0.45
CA TRP A 62 -19.35 -9.58 1.18
C TRP A 62 -18.46 -10.76 0.82
N GLU A 63 -18.74 -11.42 -0.32
CA GLU A 63 -18.00 -12.64 -0.68
C GLU A 63 -16.51 -12.43 -0.77
N GLU A 64 -16.09 -11.26 -1.26
CA GLU A 64 -14.68 -10.97 -1.49
C GLU A 64 -13.90 -11.00 -0.17
N VAL A 65 -14.49 -10.48 0.90
CA VAL A 65 -13.83 -10.53 2.22
C VAL A 65 -13.57 -11.99 2.62
N PHE A 66 -14.60 -12.82 2.48
CA PHE A 66 -14.55 -14.23 2.88
C PHE A 66 -13.62 -15.03 1.99
N ASP A 67 -13.80 -14.89 0.67
CA ASP A 67 -13.05 -15.69 -0.30
C ASP A 67 -11.56 -15.41 -0.22
N LEU A 68 -11.21 -14.14 0.01
CA LEU A 68 -9.83 -13.72 -0.08
C LEU A 68 -9.17 -13.58 1.29
N LYS A 69 -9.92 -13.92 2.34
CA LYS A 69 -9.43 -13.84 3.73
C LYS A 69 -8.86 -12.47 4.10
N LEU A 70 -9.63 -11.44 3.78
CA LEU A 70 -9.29 -10.09 4.22
C LEU A 70 -9.53 -10.04 5.71
N GLY A 71 -8.85 -9.12 6.41
CA GLY A 71 -9.04 -8.91 7.84
C GLY A 71 -7.94 -9.45 8.76
N TRP A 72 -8.31 -9.64 10.03
CA TRP A 72 -7.38 -9.96 11.10
C TRP A 72 -6.73 -11.33 10.99
N ASP A 73 -5.46 -11.37 11.36
CA ASP A 73 -4.73 -12.61 11.49
C ASP A 73 -3.79 -12.48 12.70
N VAL A 74 -3.88 -13.42 13.64
CA VAL A 74 -2.96 -13.48 14.79
C VAL A 74 -2.32 -14.86 14.76
N THR A 75 -0.99 -14.91 14.74
CA THR A 75 -0.29 -16.20 14.66
C THR A 75 0.89 -16.32 15.63
N ALA A 76 1.07 -17.51 16.19
CA ALA A 76 2.24 -17.84 16.99
C ALA A 76 3.11 -18.82 16.19
N PHE A 77 2.84 -18.88 14.89
CA PHE A 77 3.52 -19.75 13.95
C PHE A 77 3.51 -21.23 14.40
N GLY A 78 2.35 -21.65 14.89
CA GLY A 78 2.13 -23.01 15.39
C GLY A 78 2.97 -23.39 16.61
N ARG A 79 3.57 -22.40 17.25
CA ARG A 79 4.34 -22.61 18.48
C ARG A 79 3.65 -22.01 19.71
N ASN A 80 4.35 -22.02 20.85
CA ASN A 80 3.74 -21.71 22.14
C ASN A 80 4.24 -20.45 22.85
N ASN A 81 4.92 -19.59 22.10
CA ASN A 81 5.42 -18.32 22.64
C ASN A 81 5.23 -17.15 21.66
N PHE A 82 4.04 -16.55 21.70
CA PHE A 82 3.67 -15.44 20.80
C PHE A 82 4.64 -14.26 20.89
N ALA A 83 5.01 -13.89 22.12
CA ALA A 83 5.95 -12.80 22.34
C ALA A 83 7.30 -13.00 21.63
N ALA A 84 7.76 -14.25 21.51
CA ALA A 84 9.07 -14.55 20.91
C ALA A 84 8.98 -14.80 19.40
N HIS A 85 7.91 -15.50 18.99
CA HIS A 85 7.66 -15.78 17.58
C HIS A 85 6.17 -15.63 17.32
N GLY A 86 5.81 -14.55 16.64
CA GLY A 86 4.41 -14.24 16.34
C GLY A 86 4.28 -13.01 15.45
N LEU A 87 3.05 -12.71 15.06
CA LEU A 87 2.77 -11.60 14.18
C LEU A 87 1.28 -11.28 14.26
N THR A 88 0.95 -10.01 14.09
CA THR A 88 -0.44 -9.57 14.05
C THR A 88 -0.58 -8.78 12.75
N LEU A 89 -1.57 -9.17 11.93
CA LEU A 89 -1.71 -8.63 10.57
C LEU A 89 -3.17 -8.26 10.30
N PHE A 90 -3.38 -7.32 9.40
CA PHE A 90 -4.69 -7.06 8.86
C PHE A 90 -4.57 -6.96 7.34
N THR A 91 -5.22 -7.87 6.64
CA THR A 91 -5.20 -7.90 5.19
C THR A 91 -6.29 -6.98 4.65
N LEU A 92 -5.86 -5.88 4.03
CA LEU A 92 -6.75 -4.82 3.62
C LEU A 92 -7.39 -5.05 2.25
N ARG A 93 -6.66 -5.73 1.35
CA ARG A 93 -7.10 -5.92 -0.03
C ARG A 93 -6.28 -7.07 -0.60
N ASN A 94 -6.80 -7.72 -1.63
CA ASN A 94 -6.15 -8.94 -2.15
C ASN A 94 -6.79 -9.32 -3.47
N GLY A 95 -6.23 -10.32 -4.14
CA GLY A 95 -6.83 -10.92 -5.34
C GLY A 95 -6.71 -12.44 -5.30
N SER A 96 -7.28 -13.11 -6.30
CA SER A 96 -7.29 -14.58 -6.36
C SER A 96 -5.91 -15.10 -6.72
N ALA A 97 -5.49 -16.13 -5.99
CA ALA A 97 -4.23 -16.84 -6.21
C ALA A 97 -3.99 -17.15 -7.68
N LYS A 98 -5.05 -17.53 -8.40
CA LYS A 98 -4.88 -17.94 -9.79
C LYS A 98 -5.38 -16.92 -10.79
N GLY A 99 -5.63 -15.69 -10.33
CA GLY A 99 -6.09 -14.63 -11.21
C GLY A 99 -7.59 -14.62 -11.51
N MET A 100 -8.31 -15.61 -11.00
CA MET A 100 -9.76 -15.72 -11.20
C MET A 100 -10.38 -16.34 -9.96
N PRO A 101 -11.59 -15.88 -9.55
CA PRO A 101 -12.43 -14.87 -10.19
C PRO A 101 -12.10 -13.41 -9.82
N TYR A 102 -11.28 -13.20 -8.79
CA TYR A 102 -10.87 -11.84 -8.37
C TYR A 102 -9.57 -11.48 -9.05
N VAL A 103 -9.67 -10.68 -10.11
CA VAL A 103 -8.55 -10.43 -11.00
C VAL A 103 -7.45 -9.49 -10.45
N LYS A 104 -7.77 -8.74 -9.39
CA LYS A 104 -6.78 -7.84 -8.77
C LYS A 104 -5.44 -8.56 -8.59
N CYS A 105 -4.34 -7.98 -9.05
CA CYS A 105 -3.01 -8.63 -8.95
C CYS A 105 -2.28 -8.30 -7.66
N TYR A 106 -2.79 -7.33 -6.90
CA TYR A 106 -2.08 -6.81 -5.74
C TYR A 106 -2.78 -7.09 -4.41
N ALA A 107 -2.02 -6.95 -3.34
CA ALA A 107 -2.53 -7.13 -2.00
C ALA A 107 -1.86 -6.11 -1.06
N GLU A 108 -2.50 -5.87 0.07
CA GLU A 108 -1.94 -5.00 1.08
C GLU A 108 -2.31 -5.48 2.47
N LYS A 109 -1.31 -5.50 3.35
CA LYS A 109 -1.49 -5.79 4.76
C LYS A 109 -0.89 -4.67 5.60
N ILE A 110 -1.43 -4.48 6.80
CA ILE A 110 -0.80 -3.62 7.81
C ILE A 110 -0.60 -4.51 9.02
N MET A 111 0.57 -4.40 9.64
CA MET A 111 0.99 -5.39 10.63
C MET A 111 1.61 -4.70 11.85
N HIS A 112 1.66 -5.44 12.95
CA HIS A 112 2.23 -4.96 14.20
C HIS A 112 3.28 -5.97 14.54
N VAL A 113 4.53 -5.54 14.51
CA VAL A 113 5.63 -6.38 14.97
C VAL A 113 6.04 -5.86 16.34
N ARG A 114 5.86 -6.70 17.35
CA ARG A 114 6.20 -6.30 18.71
C ARG A 114 7.71 -6.34 18.91
N ASP A 115 8.20 -5.51 19.83
CA ASP A 115 9.64 -5.45 20.13
C ASP A 115 10.25 -6.85 20.28
N ALA A 116 11.28 -7.09 19.48
CA ALA A 116 12.02 -8.36 19.48
C ALA A 116 11.22 -9.62 19.11
N GLN A 117 9.99 -9.43 18.63
CA GLN A 117 9.14 -10.55 18.18
C GLN A 117 9.52 -10.94 16.76
N VAL A 118 9.83 -12.23 16.56
CA VAL A 118 10.40 -12.73 15.31
C VAL A 118 9.35 -13.39 14.40
N THR A 119 9.41 -13.06 13.11
CA THR A 119 8.73 -13.85 12.07
C THR A 119 9.76 -14.79 11.44
N PRO A 120 9.59 -16.12 11.63
CA PRO A 120 10.52 -17.18 11.20
C PRO A 120 10.85 -17.16 9.72
N MET A 121 12.05 -17.64 9.40
CA MET A 121 12.56 -17.71 8.03
C MET A 121 11.60 -18.46 7.11
N HIS A 122 11.18 -17.80 6.03
CA HIS A 122 10.30 -18.41 5.03
C HIS A 122 10.48 -17.74 3.68
N PHE A 123 10.06 -18.41 2.61
CA PHE A 123 9.95 -17.74 1.32
C PHE A 123 8.57 -17.98 0.73
N HIS A 124 8.29 -17.32 -0.39
CA HIS A 124 7.05 -17.56 -1.10
C HIS A 124 7.36 -18.14 -2.47
N TRP A 125 6.54 -19.09 -2.90
CA TRP A 125 6.64 -19.63 -4.25
C TRP A 125 6.28 -18.58 -5.29
N ARG A 126 5.25 -17.77 -4.99
CA ARG A 126 4.67 -16.87 -5.98
C ARG A 126 4.67 -15.38 -5.58
N LYS A 127 4.26 -15.09 -4.35
CA LYS A 127 4.19 -13.70 -3.87
C LYS A 127 5.52 -12.96 -3.94
N ARG A 128 5.50 -11.78 -4.56
CA ARG A 128 6.57 -10.79 -4.46
C ARG A 128 6.02 -9.71 -3.53
N GLU A 129 6.80 -9.29 -2.54
CA GLU A 129 6.29 -8.33 -1.56
C GLU A 129 7.27 -7.21 -1.24
N ASP A 130 6.73 -6.00 -1.04
CA ASP A 130 7.52 -4.90 -0.48
C ASP A 130 7.19 -4.85 1.02
N ILE A 131 8.20 -5.08 1.86
CA ILE A 131 8.02 -4.97 3.30
C ILE A 131 8.43 -3.54 3.69
N ILE A 132 7.53 -2.83 4.39
CA ILE A 132 7.67 -1.39 4.59
C ILE A 132 7.63 -1.07 6.07
N ASN A 133 8.62 -0.33 6.55
CA ASN A 133 8.57 0.20 7.92
C ASN A 133 7.77 1.49 7.90
N ARG A 134 6.52 1.36 8.34
CA ARG A 134 5.61 2.48 8.35
C ARG A 134 5.71 3.33 9.62
N GLY A 135 6.44 2.86 10.63
CA GLY A 135 6.68 3.69 11.80
C GLY A 135 7.02 2.87 13.02
N GLY A 136 7.47 3.56 14.07
CA GLY A 136 7.86 2.88 15.32
C GLY A 136 9.36 2.71 15.40
N GLY A 137 9.79 1.51 15.78
CA GLY A 137 11.20 1.17 15.85
C GLY A 137 11.82 0.87 14.50
N ASN A 138 12.83 0.01 14.49
CA ASN A 138 13.52 -0.35 13.25
C ASN A 138 13.22 -1.80 12.97
N LEU A 139 13.01 -2.14 11.69
CA LEU A 139 12.78 -3.53 11.33
C LEU A 139 14.06 -4.16 10.82
N ILE A 140 14.42 -5.29 11.40
CA ILE A 140 15.61 -6.01 10.97
C ILE A 140 15.14 -7.16 10.09
N VAL A 141 15.64 -7.20 8.85
CA VAL A 141 15.27 -8.26 7.91
C VAL A 141 16.51 -9.08 7.53
N GLU A 142 16.45 -10.39 7.80
CA GLU A 142 17.53 -11.34 7.45
C GLU A 142 17.14 -12.09 6.18
N LEU A 143 18.10 -12.19 5.24
CA LEU A 143 17.83 -12.67 3.89
C LEU A 143 18.82 -13.73 3.41
N TRP A 144 18.29 -14.79 2.79
CA TRP A 144 19.08 -15.84 2.16
C TRP A 144 18.39 -16.29 0.89
N ASN A 145 19.14 -16.50 -0.18
CA ASN A 145 18.57 -17.20 -1.34
C ASN A 145 18.19 -18.64 -0.94
N ALA A 146 17.17 -19.19 -1.58
CA ALA A 146 16.82 -20.60 -1.35
C ALA A 146 17.63 -21.48 -2.28
N ASP A 147 18.19 -22.55 -1.71
CA ASP A 147 18.91 -23.58 -2.46
C ASP A 147 17.92 -24.44 -3.27
N SER A 148 18.45 -25.29 -4.15
CA SER A 148 17.64 -26.28 -4.87
C SER A 148 16.85 -27.18 -3.93
N ASN A 149 17.44 -27.48 -2.78
CA ASN A 149 16.78 -28.27 -1.75
C ASN A 149 15.97 -27.45 -0.75
N GLU A 150 15.71 -26.18 -1.11
CA GLU A 150 14.94 -25.26 -0.27
C GLU A 150 15.62 -24.97 1.08
N GLN A 151 16.94 -25.13 1.11
CA GLN A 151 17.74 -24.70 2.25
C GLN A 151 18.27 -23.33 1.93
N THR A 152 18.94 -22.71 2.90
CA THR A 152 19.58 -21.42 2.68
C THR A 152 20.89 -21.58 1.91
N ALA A 153 21.03 -20.83 0.82
CA ALA A 153 22.25 -20.86 0.00
C ALA A 153 23.26 -19.81 0.49
N ASP A 154 24.52 -19.98 0.06
CA ASP A 154 25.60 -19.05 0.43
C ASP A 154 25.87 -18.00 -0.63
N SER A 155 25.05 -17.97 -1.69
CA SER A 155 25.19 -16.99 -2.75
C SER A 155 24.83 -15.60 -2.24
N ASP A 156 25.43 -14.57 -2.83
CA ASP A 156 25.06 -13.19 -2.56
C ASP A 156 23.60 -12.94 -2.92
N ILE A 157 22.95 -12.07 -2.15
CA ILE A 157 21.59 -11.64 -2.42
C ILE A 157 21.63 -10.29 -3.14
N THR A 158 20.72 -10.10 -4.10
CA THR A 158 20.58 -8.82 -4.77
C THR A 158 19.19 -8.32 -4.41
N VAL A 159 19.13 -7.17 -3.75
CA VAL A 159 17.85 -6.60 -3.31
C VAL A 159 17.75 -5.11 -3.64
N VAL A 160 16.51 -4.63 -3.73
CA VAL A 160 16.27 -3.23 -3.99
C VAL A 160 15.57 -2.66 -2.77
N ILE A 161 16.18 -1.63 -2.19
CA ILE A 161 15.63 -0.96 -1.03
C ILE A 161 15.26 0.42 -1.50
N ASP A 162 13.96 0.63 -1.66
CA ASP A 162 13.46 1.93 -2.06
C ASP A 162 14.08 2.43 -3.36
N GLY A 163 14.15 1.54 -4.34
CA GLY A 163 14.65 1.90 -5.67
C GLY A 163 16.17 1.84 -5.80
N CYS A 164 16.85 1.55 -4.70
CA CYS A 164 18.33 1.42 -4.70
C CYS A 164 18.76 -0.04 -4.70
N ARG A 165 19.31 -0.46 -5.83
CA ARG A 165 19.71 -1.83 -6.03
C ARG A 165 21.08 -2.05 -5.37
N GLN A 166 21.20 -3.13 -4.61
CA GLN A 166 22.43 -3.45 -3.91
C GLN A 166 22.62 -4.95 -3.74
N LYS A 167 23.87 -5.38 -3.62
CA LYS A 167 24.18 -6.76 -3.42
C LYS A 167 24.77 -6.93 -2.03
N HIS A 168 24.37 -7.99 -1.34
CA HIS A 168 24.89 -8.30 0.00
C HIS A 168 25.19 -9.78 0.18
N THR A 169 25.93 -10.11 1.23
CA THR A 169 26.28 -11.51 1.50
C THR A 169 25.09 -12.29 2.03
N ALA A 170 25.08 -13.60 1.76
CA ALA A 170 24.07 -14.51 2.27
C ALA A 170 23.89 -14.32 3.77
N GLY A 171 22.64 -14.26 4.21
CA GLY A 171 22.36 -14.10 5.63
C GLY A 171 22.52 -12.69 6.17
N SER A 172 22.68 -11.71 5.29
CA SER A 172 22.78 -10.31 5.73
C SER A 172 21.54 -9.89 6.54
N GLN A 173 21.76 -9.10 7.58
CA GLN A 173 20.67 -8.49 8.34
C GLN A 173 20.61 -7.00 8.02
N LEU A 174 19.51 -6.57 7.41
CA LEU A 174 19.41 -5.20 6.92
C LEU A 174 18.39 -4.44 7.77
N ARG A 175 18.69 -3.17 8.05
CA ARG A 175 17.81 -2.38 8.91
C ARG A 175 16.95 -1.46 8.06
N LEU A 176 15.64 -1.58 8.25
CA LEU A 176 14.70 -0.62 7.67
C LEU A 176 14.23 0.33 8.77
N SER A 177 14.66 1.58 8.67
CA SER A 177 14.17 2.68 9.50
C SER A 177 12.81 3.17 9.00
N PRO A 178 12.04 3.86 9.88
CA PRO A 178 10.74 4.33 9.41
C PRO A 178 10.84 5.03 8.06
N GLY A 179 9.93 4.66 7.15
CA GLY A 179 9.92 5.18 5.80
C GLY A 179 10.55 4.23 4.79
N GLU A 180 11.41 3.36 5.25
CA GLU A 180 12.19 2.52 4.33
C GLU A 180 11.46 1.22 3.99
N SER A 181 11.78 0.65 2.84
CA SER A 181 11.09 -0.56 2.37
C SER A 181 12.00 -1.38 1.48
N ILE A 182 11.79 -2.70 1.48
CA ILE A 182 12.60 -3.63 0.70
C ILE A 182 11.69 -4.53 -0.14
N CYS A 183 12.09 -4.79 -1.38
CA CYS A 183 11.32 -5.69 -2.23
C CYS A 183 11.88 -7.11 -2.12
N LEU A 184 11.04 -8.06 -1.74
CA LEU A 184 11.45 -9.45 -1.67
C LEU A 184 10.83 -10.31 -2.79
N PRO A 185 11.66 -10.67 -3.80
CA PRO A 185 11.19 -11.51 -4.91
C PRO A 185 10.80 -12.90 -4.40
N PRO A 186 9.92 -13.60 -5.13
CA PRO A 186 9.59 -14.98 -4.78
C PRO A 186 10.86 -15.81 -4.66
N GLY A 187 10.92 -16.66 -3.62
CA GLY A 187 12.04 -17.60 -3.44
C GLY A 187 13.17 -17.08 -2.59
N LEU A 188 13.08 -15.81 -2.19
CA LEU A 188 14.07 -15.20 -1.30
C LEU A 188 13.62 -15.44 0.12
N TYR A 189 14.42 -16.20 0.88
CA TYR A 189 14.09 -16.48 2.29
C TYR A 189 14.21 -15.20 3.10
N HIS A 190 13.25 -14.99 3.98
CA HIS A 190 13.27 -13.82 4.87
C HIS A 190 12.69 -14.10 6.26
N SER A 191 13.28 -13.42 7.23
CA SER A 191 12.83 -13.41 8.60
C SER A 191 12.97 -11.97 9.05
N PHE A 192 12.05 -11.48 9.89
CA PHE A 192 12.15 -10.10 10.38
C PHE A 192 11.74 -9.97 11.83
N TRP A 193 12.24 -8.91 12.47
CA TRP A 193 11.88 -8.60 13.84
C TRP A 193 12.07 -7.10 14.09
N ALA A 194 11.39 -6.59 15.11
CA ALA A 194 11.64 -5.22 15.59
C ALA A 194 12.98 -5.24 16.30
N GLU A 195 13.87 -4.31 15.94
CA GLU A 195 15.19 -4.24 16.56
C GLU A 195 15.02 -4.10 18.07
N ALA A 196 15.66 -5.01 18.82
CA ALA A 196 15.46 -5.12 20.27
C ALA A 196 15.76 -3.80 20.97
N GLY A 197 14.77 -3.29 21.70
CA GLY A 197 14.91 -2.03 22.44
C GLY A 197 14.51 -0.74 21.73
N PHE A 198 14.24 -0.80 20.42
CA PHE A 198 13.87 0.40 19.66
C PHE A 198 12.34 0.56 19.53
N GLY A 199 11.60 -0.44 20.03
CA GLY A 199 10.13 -0.37 20.10
C GLY A 199 9.42 -1.16 19.01
N ASP A 200 8.11 -1.33 19.18
CA ASP A 200 7.29 -2.05 18.21
C ASP A 200 7.37 -1.33 16.87
N VAL A 201 7.18 -2.08 15.79
CA VAL A 201 7.23 -1.51 14.45
C VAL A 201 5.88 -1.72 13.76
N LEU A 202 5.38 -0.67 13.13
CA LEU A 202 4.22 -0.77 12.28
C LEU A 202 4.70 -1.15 10.88
N VAL A 203 4.33 -2.34 10.42
CA VAL A 203 4.86 -2.84 9.17
C VAL A 203 3.79 -2.84 8.09
N GLY A 204 4.08 -2.22 6.95
CA GLY A 204 3.22 -2.32 5.79
C GLY A 204 3.72 -3.40 4.85
N GLU A 205 2.80 -4.01 4.11
CA GLU A 205 3.13 -4.97 3.07
C GLU A 205 2.28 -4.69 1.82
N VAL A 206 2.94 -4.39 0.72
CA VAL A 206 2.29 -4.19 -0.57
C VAL A 206 2.94 -5.22 -1.47
N SER A 207 2.11 -6.05 -2.11
CA SER A 207 2.59 -7.26 -2.74
C SER A 207 1.73 -7.66 -3.93
N SER A 208 2.15 -8.72 -4.63
CA SER A 208 1.23 -9.41 -5.52
C SER A 208 0.28 -10.27 -4.66
N VAL A 209 -0.59 -11.06 -5.28
CA VAL A 209 -1.62 -11.75 -4.50
C VAL A 209 -1.08 -12.58 -3.33
N ASN A 210 -1.81 -12.48 -2.23
CA ASN A 210 -1.48 -13.20 -1.00
C ASN A 210 -2.28 -14.48 -0.86
N ASP A 211 -1.58 -15.58 -0.57
CA ASP A 211 -2.24 -16.87 -0.35
C ASP A 211 -1.48 -17.64 0.73
N ASP A 212 -1.83 -17.38 1.98
CA ASP A 212 -1.20 -18.03 3.12
C ASP A 212 -1.53 -19.52 3.21
N ASP A 213 -2.58 -19.94 2.51
CA ASP A 213 -2.96 -21.35 2.48
C ASP A 213 -1.92 -22.21 1.76
N HIS A 214 -1.28 -21.67 0.73
CA HIS A 214 -0.44 -22.49 -0.15
C HIS A 214 0.93 -21.91 -0.46
N ASP A 215 1.13 -20.63 -0.16
CA ASP A 215 2.28 -19.90 -0.74
C ASP A 215 3.43 -19.61 0.24
N ASN A 216 3.37 -20.21 1.43
CA ASN A 216 4.42 -20.02 2.42
C ASN A 216 5.24 -21.28 2.62
N HIS A 217 6.54 -21.17 2.36
CA HIS A 217 7.45 -22.26 2.73
C HIS A 217 8.38 -21.81 3.84
N PHE A 218 8.17 -22.34 5.05
CA PHE A 218 9.07 -22.07 6.16
C PHE A 218 10.26 -23.01 6.14
N LEU A 219 11.44 -22.47 6.46
CA LEU A 219 12.67 -23.25 6.51
C LEU A 219 12.48 -24.46 7.44
N GLN A 220 12.03 -24.19 8.67
CA GLN A 220 11.52 -25.21 9.59
C GLN A 220 10.01 -25.30 9.41
N PRO A 221 9.53 -26.40 8.78
CA PRO A 221 8.09 -26.54 8.46
C PRO A 221 7.17 -26.30 9.66
N LEU A 222 6.03 -25.67 9.41
CA LEU A 222 5.04 -25.39 10.45
C LEU A 222 4.05 -26.54 10.61
N ARG A 224 2.27 -28.31 15.56
CA ARG A 224 2.57 -27.57 14.29
C ARG A 224 1.46 -26.58 13.93
N TYR A 225 0.30 -26.74 14.57
CA TYR A 225 -0.81 -25.80 14.42
C TYR A 225 -1.56 -25.60 15.74
N ASN A 226 -2.08 -24.39 15.94
CA ASN A 226 -2.91 -24.09 17.10
C ASN A 226 -4.39 -24.13 16.75
N LEU A 227 -5.20 -24.52 17.74
CA LEU A 227 -6.64 -24.31 17.70
C LEU A 227 -6.99 -23.30 18.79
N ILE A 228 -8.20 -22.74 18.76
CA ILE A 228 -8.54 -21.67 19.67
C ILE A 228 -9.42 -22.15 20.82
N ASP A 229 -8.94 -21.91 22.04
CA ASP A 229 -9.73 -22.17 23.25
C ASP A 229 -10.61 -20.95 23.54
N GLU A 230 -11.92 -21.12 23.40
CA GLU A 230 -12.88 -20.04 23.58
C GLU A 230 -13.24 -19.82 25.05
N ASP A 231 -12.27 -19.31 25.81
CA ASP A 231 -12.42 -19.09 27.24
C ASP A 231 -13.20 -17.81 27.55
N GLU A 232 -13.25 -16.89 26.60
CA GLU A 232 -14.16 -15.77 26.65
C GLU A 232 -14.73 -15.54 25.25
N PRO A 233 -15.86 -14.82 25.13
CA PRO A 233 -16.43 -14.49 23.82
C PRO A 233 -15.45 -13.66 22.97
N ALA A 234 -15.40 -13.94 21.67
CA ALA A 234 -14.55 -13.21 20.74
C ALA A 234 -15.09 -11.80 20.51
N GLN A 235 -14.22 -10.81 20.59
CA GLN A 235 -14.61 -9.44 20.30
C GLN A 235 -14.61 -9.22 18.79
N LEU A 236 -13.72 -9.94 18.11
CA LEU A 236 -13.56 -9.84 16.66
C LEU A 236 -13.40 -11.22 16.03
N VAL A 237 -13.53 -11.25 14.70
CA VAL A 237 -13.39 -12.47 13.93
C VAL A 237 -12.08 -12.45 13.13
N LEU A 238 -11.39 -13.58 13.13
CA LEU A 238 -10.15 -13.71 12.39
C LEU A 238 -10.42 -14.18 10.96
N CYS A 239 -9.51 -13.83 10.05
CA CYS A 239 -9.69 -14.08 8.61
C CYS A 239 -9.75 -15.57 8.23
N ASN A 240 -9.31 -16.43 9.15
CA ASN A 240 -9.33 -17.87 8.94
C ASN A 240 -10.58 -18.57 9.49
N GLU A 241 -11.50 -17.79 10.06
CA GLU A 241 -12.69 -18.39 10.68
C GLU A 241 -14.01 -17.82 10.13
N TYR A 242 -14.00 -17.42 8.87
CA TYR A 242 -15.21 -16.91 8.21
C TYR A 242 -16.22 -18.00 7.84
N ARG A 243 -15.74 -19.24 7.79
CA ARG A 243 -16.53 -20.43 7.44
C ARG A 243 -17.98 -20.43 7.93
N GLN A 244 -18.19 -20.00 9.18
CA GLN A 244 -19.50 -19.97 9.81
C GLN A 244 -20.42 -18.88 9.23
N PHE A 245 -19.81 -17.82 8.69
CA PHE A 245 -20.53 -16.59 8.37
C PHE A 245 -20.95 -16.42 6.90
N ARG A 246 -20.79 -17.47 6.10
CA ARG A 246 -21.13 -17.39 4.67
C ARG A 246 -22.07 -18.51 4.22
N MET B 20 3.29 26.36 -13.78
CA MET B 20 3.64 26.49 -12.33
C MET B 20 5.06 26.99 -12.09
N LYS B 21 5.21 27.84 -11.07
CA LYS B 21 6.52 28.34 -10.65
C LYS B 21 7.22 27.33 -9.74
N ARG B 22 8.53 27.20 -9.89
CA ARG B 22 9.34 26.38 -8.99
C ARG B 22 9.16 26.79 -7.53
N SER B 23 9.00 28.09 -7.28
CA SER B 23 8.78 28.59 -5.93
C SER B 23 7.49 28.02 -5.31
N ALA B 24 6.44 27.94 -6.11
CA ALA B 24 5.17 27.39 -5.67
C ALA B 24 5.33 25.88 -5.42
N ILE B 25 6.09 25.20 -6.28
CA ILE B 25 6.38 23.78 -6.10
C ILE B 25 7.19 23.53 -4.81
N ASN B 26 8.21 24.34 -4.57
CA ASN B 26 8.92 24.26 -3.29
C ASN B 26 7.95 24.41 -2.11
N ASP B 27 7.10 25.44 -2.17
CA ASP B 27 6.14 25.71 -1.09
C ASP B 27 5.13 24.58 -0.90
N ILE B 28 4.58 24.09 -2.00
CA ILE B 28 3.60 22.98 -1.97
C ILE B 28 4.23 21.73 -1.36
N LEU B 29 5.41 21.36 -1.84
CA LEU B 29 6.13 20.20 -1.29
C LEU B 29 6.49 20.34 0.19
N GLY B 30 6.89 21.55 0.59
CA GLY B 30 7.20 21.83 2.00
C GLY B 30 5.97 21.61 2.85
N HIS B 31 4.84 22.14 2.41
CA HIS B 31 3.59 21.96 3.13
C HIS B 31 3.14 20.50 3.17
N THR B 32 3.35 19.79 2.06
CA THR B 32 2.92 18.39 1.98
C THR B 32 3.76 17.49 2.89
N ARG B 33 5.07 17.71 2.91
CA ARG B 33 5.91 16.97 3.83
C ARG B 33 5.47 17.18 5.29
N GLN B 34 5.07 18.40 5.62
CA GLN B 34 4.53 18.72 6.96
C GLN B 34 3.21 17.98 7.23
N PHE B 35 2.33 17.97 6.23
CA PHE B 35 1.06 17.26 6.34
C PHE B 35 1.26 15.77 6.54
N PHE B 36 2.18 15.17 5.76
CA PHE B 36 2.59 13.77 5.96
C PHE B 36 3.11 13.52 7.38
N SER B 37 4.02 14.38 7.86
CA SER B 37 4.60 14.23 9.22
C SER B 37 3.52 14.28 10.28
N GLN B 38 2.59 15.22 10.11
CA GLN B 38 1.40 15.37 10.94
C GLN B 38 0.56 14.09 11.07
N HIS B 39 0.50 13.31 9.98
CA HIS B 39 -0.19 12.02 10.01
C HIS B 39 0.71 10.80 10.30
N ASP B 40 1.87 11.06 10.89
CA ASP B 40 2.84 9.99 11.17
C ASP B 40 3.21 9.16 9.92
N VAL B 41 3.17 9.80 8.75
CA VAL B 41 3.66 9.17 7.52
C VAL B 41 5.17 9.38 7.38
N HIS B 42 5.87 8.30 7.08
CA HIS B 42 7.33 8.37 6.91
C HIS B 42 7.69 7.97 5.49
N LEU B 43 8.60 8.74 4.90
CA LEU B 43 8.98 8.52 3.51
C LEU B 43 10.39 7.98 3.47
N PRO B 44 10.75 7.30 2.37
CA PRO B 44 12.13 6.82 2.25
C PRO B 44 13.11 7.99 2.11
N PRO B 45 14.41 7.75 2.42
CA PRO B 45 15.37 8.85 2.37
C PRO B 45 15.37 9.64 1.06
N PHE B 46 15.18 8.98 -0.09
CA PHE B 46 15.27 9.69 -1.36
C PHE B 46 14.19 10.78 -1.53
N ALA B 47 13.15 10.75 -0.71
CA ALA B 47 12.12 11.80 -0.68
C ALA B 47 12.64 13.18 -0.28
N SER B 48 13.79 13.22 0.39
CA SER B 48 14.34 14.47 0.87
C SER B 48 15.67 14.90 0.21
N PHE B 49 16.15 14.12 -0.77
CA PHE B 49 17.38 14.46 -1.51
C PHE B 49 17.26 15.83 -2.22
N SER B 50 18.24 16.71 -2.03
CA SER B 50 18.30 17.96 -2.79
C SER B 50 18.81 17.66 -4.20
N PRO B 51 18.65 18.59 -5.16
CA PRO B 51 19.24 18.27 -6.47
C PRO B 51 20.73 17.96 -6.38
N ALA B 52 21.45 18.65 -5.50
CA ALA B 52 22.88 18.40 -5.32
C ALA B 52 23.15 16.97 -4.85
N GLN B 53 22.33 16.46 -3.94
CA GLN B 53 22.47 15.09 -3.46
C GLN B 53 22.17 14.07 -4.55
N TRP B 54 21.13 14.32 -5.36
CA TRP B 54 20.86 13.44 -6.50
C TRP B 54 22.08 13.34 -7.42
N GLN B 55 22.76 14.47 -7.62
CA GLN B 55 23.93 14.56 -8.52
C GLN B 55 25.12 13.71 -8.06
N GLN B 56 25.16 13.36 -6.78
CA GLN B 56 26.29 12.63 -6.23
C GLN B 56 26.04 11.11 -6.11
N LEU B 57 24.82 10.68 -6.42
CA LEU B 57 24.47 9.26 -6.35
C LEU B 57 25.14 8.44 -7.43
N ASP B 58 25.38 7.16 -7.12
CA ASP B 58 25.74 6.12 -8.09
C ASP B 58 24.51 5.82 -8.96
N THR B 59 24.52 6.35 -10.19
CA THR B 59 23.39 6.25 -11.11
C THR B 59 23.01 4.81 -11.52
N ALA B 60 23.98 3.90 -11.45
CA ALA B 60 23.77 2.49 -11.76
C ALA B 60 22.92 1.79 -10.70
N ALA B 61 22.97 2.28 -9.46
CA ALA B 61 22.23 1.67 -8.36
C ALA B 61 20.79 2.20 -8.26
N TRP B 62 20.55 3.37 -8.85
CA TRP B 62 19.30 4.10 -8.65
C TRP B 62 18.39 4.10 -9.88
N GLU B 63 18.70 3.24 -10.84
CA GLU B 63 17.98 3.19 -12.12
C GLU B 63 16.47 3.01 -11.99
N GLU B 64 16.06 2.19 -11.03
CA GLU B 64 14.65 1.92 -10.80
C GLU B 64 13.88 3.19 -10.48
N VAL B 65 14.46 4.05 -9.64
CA VAL B 65 13.84 5.33 -9.32
C VAL B 65 13.58 6.15 -10.60
N PHE B 66 14.61 6.29 -11.42
CA PHE B 66 14.53 7.07 -12.66
C PHE B 66 13.60 6.44 -13.69
N ASP B 67 13.73 5.14 -13.88
CA ASP B 67 12.98 4.42 -14.92
C ASP B 67 11.48 4.37 -14.61
N LEU B 68 11.13 4.19 -13.34
CA LEU B 68 9.73 4.03 -12.96
C LEU B 68 9.09 5.31 -12.45
N LYS B 69 9.86 6.40 -12.47
CA LYS B 69 9.45 7.70 -11.94
C LYS B 69 8.92 7.61 -10.51
N LEU B 70 9.71 6.99 -9.64
CA LEU B 70 9.36 6.99 -8.23
C LEU B 70 9.56 8.42 -7.74
N GLY B 71 8.88 8.80 -6.67
CA GLY B 71 9.12 10.10 -6.06
C GLY B 71 8.01 11.12 -6.23
N TRP B 72 8.36 12.41 -6.07
CA TRP B 72 7.40 13.51 -6.00
C TRP B 72 6.76 13.84 -7.35
N ASP B 73 5.49 14.19 -7.28
CA ASP B 73 4.71 14.58 -8.44
C ASP B 73 3.79 15.70 -7.98
N VAL B 74 3.85 16.84 -8.67
CA VAL B 74 2.97 17.96 -8.40
C VAL B 74 2.32 18.37 -9.72
N THR B 75 1.01 18.46 -9.75
CA THR B 75 0.32 18.83 -10.99
C THR B 75 -0.87 19.77 -10.76
N ALA B 76 -1.07 20.68 -11.71
CA ALA B 76 -2.27 21.53 -11.71
C ALA B 76 -3.15 21.15 -12.91
N PHE B 77 -2.88 19.96 -13.45
CA PHE B 77 -3.65 19.36 -14.54
C PHE B 77 -3.78 20.26 -15.77
N GLY B 78 -2.68 20.91 -16.15
CA GLY B 78 -2.66 21.76 -17.33
C GLY B 78 -3.45 23.05 -17.23
N ARG B 79 -4.00 23.32 -16.05
CA ARG B 79 -4.68 24.59 -15.78
C ARG B 79 -3.82 25.47 -14.86
N ASN B 80 -4.35 26.62 -14.45
CA ASN B 80 -3.54 27.58 -13.68
C ASN B 80 -4.08 27.95 -12.30
N ASN B 81 -4.88 27.05 -11.71
CA ASN B 81 -5.34 27.19 -10.33
C ASN B 81 -5.16 25.87 -9.57
N PHE B 82 -3.93 25.63 -9.12
CA PHE B 82 -3.58 24.42 -8.36
C PHE B 82 -4.54 24.16 -7.20
N ALA B 83 -4.87 25.22 -6.45
CA ALA B 83 -5.77 25.11 -5.30
C ALA B 83 -7.14 24.54 -5.68
N ALA B 84 -7.60 24.86 -6.89
CA ALA B 84 -8.90 24.36 -7.33
C ALA B 84 -8.80 23.00 -8.04
N HIS B 85 -7.77 22.84 -8.86
CA HIS B 85 -7.52 21.61 -9.61
C HIS B 85 -6.03 21.27 -9.52
N GLY B 86 -5.71 20.26 -8.73
CA GLY B 86 -4.33 19.91 -8.47
C GLY B 86 -4.23 18.66 -7.60
N LEU B 87 -3.01 18.13 -7.49
CA LEU B 87 -2.77 16.94 -6.70
C LEU B 87 -1.29 16.90 -6.39
N THR B 88 -0.98 16.39 -5.21
CA THR B 88 0.41 16.19 -4.84
C THR B 88 0.55 14.72 -4.48
N LEU B 89 1.58 14.07 -5.02
CA LEU B 89 1.73 12.61 -4.88
C LEU B 89 3.19 12.25 -4.64
N PHE B 90 3.41 11.12 -3.97
CA PHE B 90 4.72 10.51 -3.92
C PHE B 90 4.58 9.05 -4.34
N THR B 91 5.32 8.65 -5.37
CA THR B 91 5.25 7.27 -5.86
C THR B 91 6.33 6.46 -5.15
N LEU B 92 5.86 5.57 -4.27
CA LEU B 92 6.69 4.80 -3.37
C LEU B 92 7.32 3.58 -4.02
N ARG B 93 6.61 2.98 -4.98
CA ARG B 93 7.05 1.74 -5.60
C ARG B 93 6.23 1.55 -6.86
N ASN B 94 6.76 0.73 -7.76
CA ASN B 94 6.15 0.59 -9.09
C ASN B 94 6.86 -0.52 -9.84
N GLY B 95 6.28 -0.89 -10.98
CA GLY B 95 6.86 -1.84 -11.91
C GLY B 95 6.82 -1.26 -13.31
N SER B 96 7.45 -1.97 -14.27
CA SER B 96 7.47 -1.54 -15.67
C SER B 96 6.10 -1.71 -16.31
N ALA B 97 5.69 -0.72 -17.11
CA ALA B 97 4.41 -0.72 -17.80
C ALA B 97 4.18 -2.02 -18.59
N LYS B 98 5.23 -2.47 -19.29
CA LYS B 98 5.17 -3.71 -20.07
C LYS B 98 5.51 -4.99 -19.28
N GLY B 99 6.24 -4.84 -18.17
CA GLY B 99 6.64 -5.97 -17.35
C GLY B 99 8.14 -6.20 -17.36
N MET B 100 8.86 -5.46 -18.21
CA MET B 100 10.30 -5.55 -18.30
C MET B 100 10.91 -4.16 -18.40
N PRO B 101 12.09 -3.95 -17.79
CA PRO B 101 12.85 -4.92 -16.98
C PRO B 101 12.44 -5.05 -15.51
N TYR B 102 11.45 -4.28 -15.04
CA TYR B 102 10.99 -4.34 -13.64
C TYR B 102 9.66 -5.09 -13.47
N VAL B 103 9.77 -6.36 -13.09
CA VAL B 103 8.66 -7.32 -13.19
C VAL B 103 7.49 -7.09 -12.22
N LYS B 104 7.71 -6.28 -11.18
CA LYS B 104 6.71 -6.00 -10.14
C LYS B 104 5.37 -5.64 -10.80
N CYS B 105 4.27 -6.27 -10.37
CA CYS B 105 2.94 -6.01 -10.96
C CYS B 105 2.21 -4.87 -10.24
N TYR B 106 2.77 -4.40 -9.12
CA TYR B 106 2.06 -3.48 -8.23
C TYR B 106 2.78 -2.14 -8.02
N ALA B 107 2.00 -1.14 -7.62
CA ALA B 107 2.52 0.18 -7.32
C ALA B 107 1.80 0.72 -6.08
N GLU B 108 2.46 1.65 -5.39
CA GLU B 108 1.87 2.35 -4.25
C GLU B 108 2.23 3.83 -4.33
N LYS B 109 1.22 4.66 -4.08
CA LYS B 109 1.44 6.09 -3.93
C LYS B 109 0.91 6.57 -2.60
N ILE B 110 1.50 7.65 -2.10
CA ILE B 110 0.93 8.38 -0.97
C ILE B 110 0.72 9.84 -1.41
N MET B 111 -0.47 10.37 -1.12
CA MET B 111 -0.89 11.61 -1.76
C MET B 111 -1.53 12.56 -0.75
N HIS B 112 -1.54 13.84 -1.09
CA HIS B 112 -2.12 14.92 -0.29
C HIS B 112 -3.18 15.57 -1.16
N VAL B 113 -4.42 15.46 -0.72
CA VAL B 113 -5.53 16.13 -1.39
C VAL B 113 -5.97 17.25 -0.48
N ARG B 114 -5.78 18.47 -0.94
CA ARG B 114 -6.13 19.64 -0.15
C ARG B 114 -7.63 19.87 -0.16
N ASP B 115 -8.14 20.42 0.94
CA ASP B 115 -9.53 20.82 1.07
C ASP B 115 -10.09 21.43 -0.23
N ALA B 116 -11.15 20.83 -0.77
CA ALA B 116 -11.83 21.29 -1.99
C ALA B 116 -11.01 21.21 -3.30
N GLN B 117 -9.82 20.63 -3.24
CA GLN B 117 -9.01 20.47 -4.45
C GLN B 117 -9.47 19.24 -5.25
N VAL B 118 -9.73 19.44 -6.54
CA VAL B 118 -10.32 18.41 -7.38
C VAL B 118 -9.30 17.78 -8.35
N THR B 119 -9.26 16.46 -8.39
CA THR B 119 -8.60 15.70 -9.44
C THR B 119 -9.65 15.45 -10.52
N PRO B 120 -9.45 16.01 -11.73
CA PRO B 120 -10.43 15.94 -12.82
C PRO B 120 -10.74 14.51 -13.26
N MET B 121 -11.90 14.36 -13.89
CA MET B 121 -12.46 13.09 -14.29
C MET B 121 -11.53 12.36 -15.26
N HIS B 122 -11.22 11.09 -14.95
CA HIS B 122 -10.32 10.30 -15.81
C HIS B 122 -10.54 8.82 -15.59
N PHE B 123 -10.22 8.02 -16.62
CA PHE B 123 -10.07 6.59 -16.41
C PHE B 123 -8.69 6.15 -16.85
N HIS B 124 -8.33 4.92 -16.48
CA HIS B 124 -7.08 4.31 -16.91
C HIS B 124 -7.34 3.19 -17.88
N TRP B 125 -6.48 3.07 -18.89
CA TRP B 125 -6.59 1.95 -19.84
C TRP B 125 -6.25 0.62 -19.18
N ARG B 126 -5.26 0.63 -18.29
CA ARG B 126 -4.71 -0.60 -17.77
C ARG B 126 -4.81 -0.70 -16.26
N LYS B 127 -4.42 0.37 -15.59
CA LYS B 127 -4.26 0.36 -14.14
C LYS B 127 -5.60 0.14 -13.44
N ARG B 128 -5.58 -0.80 -12.49
CA ARG B 128 -6.63 -1.02 -11.50
C ARG B 128 -6.07 -0.44 -10.20
N GLU B 129 -6.85 0.38 -9.52
CA GLU B 129 -6.33 1.06 -8.29
C GLU B 129 -7.31 1.04 -7.14
N ASP B 130 -6.79 0.82 -5.94
CA ASP B 130 -7.59 1.04 -4.74
C ASP B 130 -7.20 2.40 -4.18
N ILE B 131 -8.19 3.29 -4.13
CA ILE B 131 -7.97 4.63 -3.59
C ILE B 131 -8.43 4.57 -2.16
N ILE B 132 -7.55 5.04 -1.26
CA ILE B 132 -7.70 4.77 0.18
C ILE B 132 -7.66 6.09 0.93
N ASN B 133 -8.64 6.32 1.79
CA ASN B 133 -8.56 7.49 2.64
C ASN B 133 -7.75 7.08 3.85
N ARG B 134 -6.47 7.46 3.88
CA ARG B 134 -5.59 7.10 4.98
C ARG B 134 -5.68 8.04 6.18
N GLY B 135 -6.42 9.14 6.04
CA GLY B 135 -6.71 10.01 7.20
C GLY B 135 -7.00 11.45 6.86
N GLY B 136 -7.55 12.18 7.84
CA GLY B 136 -7.84 13.60 7.64
C GLY B 136 -9.33 13.80 7.38
N GLY B 137 -9.63 14.56 6.34
CA GLY B 137 -11.01 14.83 5.95
C GLY B 137 -11.71 13.68 5.25
N ASN B 138 -12.69 14.02 4.41
CA ASN B 138 -13.50 13.00 3.75
C ASN B 138 -13.23 13.06 2.26
N LEU B 139 -12.99 11.91 1.63
CA LEU B 139 -12.72 11.93 0.19
C LEU B 139 -14.01 11.62 -0.57
N ILE B 140 -14.38 12.54 -1.44
CA ILE B 140 -15.56 12.35 -2.27
C ILE B 140 -15.08 11.84 -3.61
N VAL B 141 -15.68 10.74 -4.05
CA VAL B 141 -15.28 10.12 -5.32
C VAL B 141 -16.52 10.03 -6.21
N GLU B 142 -16.45 10.66 -7.38
CA GLU B 142 -17.56 10.64 -8.35
C GLU B 142 -17.21 9.66 -9.46
N LEU B 143 -18.14 8.76 -9.80
CA LEU B 143 -17.88 7.65 -10.73
C LEU B 143 -18.87 7.55 -11.91
N TRP B 144 -18.34 7.26 -13.09
CA TRP B 144 -19.14 7.00 -14.31
C TRP B 144 -18.50 5.87 -15.10
N ASN B 145 -19.30 4.98 -15.66
CA ASN B 145 -18.78 4.13 -16.72
C ASN B 145 -18.45 5.00 -17.95
N ALA B 146 -17.52 4.54 -18.78
CA ALA B 146 -17.26 5.17 -20.08
C ALA B 146 -18.10 4.48 -21.17
N ASP B 147 -18.70 5.26 -22.07
CA ASP B 147 -19.42 4.61 -23.18
C ASP B 147 -18.39 4.35 -24.28
N SER B 148 -18.85 3.86 -25.42
CA SER B 148 -17.95 3.56 -26.56
C SER B 148 -17.34 4.80 -27.21
N ASN B 149 -17.95 5.97 -27.00
CA ASN B 149 -17.38 7.25 -27.44
C ASN B 149 -16.39 7.82 -26.41
N GLU B 150 -16.14 7.07 -25.33
CA GLU B 150 -15.29 7.52 -24.22
C GLU B 150 -15.86 8.75 -23.50
N GLN B 151 -17.18 8.91 -23.59
CA GLN B 151 -17.89 9.91 -22.81
C GLN B 151 -18.43 9.22 -21.56
N THR B 152 -19.02 9.97 -20.63
CA THR B 152 -19.62 9.35 -19.45
C THR B 152 -20.96 8.71 -19.82
N ALA B 153 -21.17 7.44 -19.43
CA ALA B 153 -22.39 6.70 -19.74
C ALA B 153 -23.47 6.86 -18.66
N ASP B 154 -24.72 6.54 -19.00
CA ASP B 154 -25.83 6.65 -18.04
C ASP B 154 -26.13 5.34 -17.28
N SER B 155 -25.30 4.32 -17.51
CA SER B 155 -25.49 3.00 -16.90
C SER B 155 -25.04 2.99 -15.42
N ASP B 156 -25.58 2.05 -14.66
CA ASP B 156 -25.21 1.87 -13.26
C ASP B 156 -23.75 1.45 -13.13
N ILE B 157 -23.09 1.89 -12.07
CA ILE B 157 -21.73 1.42 -11.79
C ILE B 157 -21.76 0.32 -10.72
N THR B 158 -20.81 -0.61 -10.80
CA THR B 158 -20.65 -1.63 -9.78
C THR B 158 -19.23 -1.49 -9.28
N VAL B 159 -19.11 -1.30 -7.97
CA VAL B 159 -17.82 -1.11 -7.33
C VAL B 159 -17.77 -1.89 -6.02
N VAL B 160 -16.54 -2.14 -5.56
CA VAL B 160 -16.31 -2.82 -4.31
C VAL B 160 -15.64 -1.84 -3.36
N ILE B 161 -16.27 -1.62 -2.21
CA ILE B 161 -15.73 -0.72 -1.22
C ILE B 161 -15.37 -1.59 -0.05
N ASP B 162 -14.08 -1.71 0.22
CA ASP B 162 -13.56 -2.58 1.28
C ASP B 162 -14.18 -4.00 1.30
N GLY B 163 -14.23 -4.64 0.14
CA GLY B 163 -14.71 -6.02 0.04
C GLY B 163 -16.23 -6.14 -0.08
N CYS B 164 -16.94 -5.03 0.06
CA CYS B 164 -18.41 -4.96 -0.09
C CYS B 164 -18.83 -4.53 -1.52
N ARG B 165 -19.36 -5.46 -2.29
CA ARG B 165 -19.79 -5.16 -3.64
C ARG B 165 -21.15 -4.46 -3.67
N GLN B 166 -21.26 -3.38 -4.43
CA GLN B 166 -22.48 -2.59 -4.49
C GLN B 166 -22.66 -1.90 -5.84
N LYS B 167 -23.91 -1.65 -6.19
CA LYS B 167 -24.27 -1.02 -7.44
C LYS B 167 -24.83 0.36 -7.14
N HIS B 168 -24.47 1.34 -7.97
CA HIS B 168 -24.94 2.71 -7.79
C HIS B 168 -25.23 3.38 -9.12
N THR B 169 -26.04 4.43 -9.06
CA THR B 169 -26.37 5.27 -10.21
C THR B 169 -25.16 5.95 -10.82
N ALA B 170 -25.21 6.11 -12.15
CA ALA B 170 -24.23 6.90 -12.89
C ALA B 170 -23.97 8.24 -12.22
N GLY B 171 -22.71 8.56 -12.00
CA GLY B 171 -22.36 9.86 -11.45
C GLY B 171 -22.55 9.96 -9.95
N SER B 172 -22.78 8.82 -9.30
CA SER B 172 -22.84 8.77 -7.83
C SER B 172 -21.58 9.37 -7.22
N GLN B 173 -21.78 10.15 -6.15
CA GLN B 173 -20.67 10.76 -5.41
C GLN B 173 -20.61 10.02 -4.09
N LEU B 174 -19.53 9.29 -3.87
CA LEU B 174 -19.42 8.41 -2.69
C LEU B 174 -18.43 8.99 -1.71
N ARG B 175 -18.76 8.95 -0.42
CA ARG B 175 -17.89 9.50 0.61
C ARG B 175 -17.07 8.39 1.25
N LEU B 176 -15.75 8.54 1.18
CA LEU B 176 -14.85 7.63 1.87
C LEU B 176 -14.34 8.34 3.11
N SER B 177 -14.68 7.81 4.29
CA SER B 177 -14.19 8.34 5.56
C SER B 177 -12.82 7.72 5.84
N PRO B 178 -12.05 8.26 6.81
CA PRO B 178 -10.76 7.62 7.10
C PRO B 178 -10.89 6.11 7.32
N GLY B 179 -10.00 5.35 6.68
CA GLY B 179 -9.99 3.89 6.75
C GLY B 179 -10.62 3.17 5.55
N GLU B 180 -11.49 3.87 4.84
CA GLU B 180 -12.25 3.27 3.76
C GLU B 180 -11.52 3.36 2.43
N SER B 181 -11.77 2.40 1.55
CA SER B 181 -11.16 2.38 0.23
C SER B 181 -12.10 1.82 -0.83
N ILE B 182 -11.86 2.19 -2.08
CA ILE B 182 -12.68 1.73 -3.19
C ILE B 182 -11.75 1.20 -4.27
N CYS B 183 -12.11 0.07 -4.87
CA CYS B 183 -11.32 -0.48 -5.98
C CYS B 183 -11.91 0.08 -7.28
N LEU B 184 -11.09 0.79 -8.07
CA LEU B 184 -11.51 1.30 -9.37
C LEU B 184 -10.88 0.51 -10.51
N PRO B 185 -11.69 -0.30 -11.21
CA PRO B 185 -11.14 -1.07 -12.32
C PRO B 185 -10.83 -0.18 -13.53
N PRO B 186 -9.94 -0.65 -14.43
CA PRO B 186 -9.67 0.17 -15.61
C PRO B 186 -10.94 0.49 -16.41
N GLY B 187 -10.97 1.69 -16.98
CA GLY B 187 -12.11 2.12 -17.79
C GLY B 187 -13.21 2.79 -16.99
N LEU B 188 -13.14 2.71 -15.67
CA LEU B 188 -14.10 3.42 -14.82
C LEU B 188 -13.66 4.87 -14.61
N TYR B 189 -14.48 5.81 -15.06
CA TYR B 189 -14.15 7.23 -14.89
C TYR B 189 -14.31 7.58 -13.42
N HIS B 190 -13.34 8.31 -12.88
CA HIS B 190 -13.38 8.79 -11.50
C HIS B 190 -12.85 10.20 -11.40
N SER B 191 -13.45 10.96 -10.49
CA SER B 191 -12.92 12.25 -10.08
C SER B 191 -12.99 12.25 -8.56
N PHE B 192 -12.05 12.93 -7.89
CA PHE B 192 -12.15 13.02 -6.44
C PHE B 192 -11.69 14.34 -5.86
N TRP B 193 -12.19 14.64 -4.66
CA TRP B 193 -11.79 15.82 -3.93
C TRP B 193 -11.96 15.61 -2.43
N ALA B 194 -11.24 16.39 -1.63
CA ALA B 194 -11.48 16.45 -0.18
C ALA B 194 -12.75 17.28 0.05
N GLU B 195 -13.73 16.69 0.69
CA GLU B 195 -15.03 17.36 0.92
C GLU B 195 -14.79 18.75 1.52
N ALA B 196 -15.35 19.79 0.87
CA ALA B 196 -15.03 21.19 1.21
C ALA B 196 -15.31 21.52 2.68
N GLY B 197 -14.32 22.11 3.35
CA GLY B 197 -14.40 22.46 4.77
C GLY B 197 -14.02 21.37 5.78
N PHE B 198 -13.96 20.11 5.35
CA PHE B 198 -13.67 19.01 6.28
C PHE B 198 -12.18 18.66 6.39
N GLY B 199 -11.36 19.44 5.70
CA GLY B 199 -9.90 19.35 5.80
C GLY B 199 -9.22 18.56 4.69
N ASP B 200 -7.91 18.75 4.57
CA ASP B 200 -7.09 17.99 3.64
C ASP B 200 -7.22 16.50 3.89
N VAL B 201 -7.00 15.69 2.86
CA VAL B 201 -7.11 14.23 2.99
C VAL B 201 -5.77 13.60 2.58
N LEU B 202 -5.33 12.62 3.36
CA LEU B 202 -4.16 11.82 3.02
C LEU B 202 -4.70 10.61 2.28
N VAL B 203 -4.34 10.51 1.01
CA VAL B 203 -4.89 9.48 0.14
C VAL B 203 -3.79 8.45 -0.16
N GLY B 204 -4.10 7.17 0.03
CA GLY B 204 -3.19 6.12 -0.39
C GLY B 204 -3.72 5.56 -1.69
N GLU B 205 -2.83 5.09 -2.54
CA GLU B 205 -3.27 4.37 -3.73
C GLU B 205 -2.42 3.11 -3.81
N VAL B 206 -3.06 1.96 -3.84
CA VAL B 206 -2.37 0.71 -4.06
C VAL B 206 -3.01 0.15 -5.31
N SER B 207 -2.16 -0.24 -6.27
CA SER B 207 -2.64 -0.41 -7.64
C SER B 207 -1.80 -1.42 -8.39
N SER B 208 -2.21 -1.74 -9.61
CA SER B 208 -1.30 -2.36 -10.57
C SER B 208 -0.33 -1.28 -11.11
N VAL B 209 0.57 -1.63 -12.02
CA VAL B 209 1.63 -0.67 -12.37
C VAL B 209 1.07 0.66 -12.88
N ASN B 210 1.77 1.71 -12.49
CA ASN B 210 1.39 3.08 -12.79
C ASN B 210 2.17 3.61 -13.97
N ASP B 211 1.46 4.16 -14.94
CA ASP B 211 2.15 4.77 -16.09
C ASP B 211 1.48 6.08 -16.46
N ASP B 212 1.90 7.16 -15.83
CA ASP B 212 1.31 8.46 -16.11
C ASP B 212 1.62 9.07 -17.48
N ASP B 213 2.58 8.51 -18.21
CA ASP B 213 2.86 9.00 -19.56
C ASP B 213 1.77 8.59 -20.57
N HIS B 214 1.17 7.41 -20.37
CA HIS B 214 0.27 6.83 -21.37
C HIS B 214 -1.05 6.28 -20.82
N ASP B 215 -1.17 6.15 -19.50
CA ASP B 215 -2.28 5.38 -18.95
C ASP B 215 -3.43 6.20 -18.36
N ASN B 216 -3.43 7.51 -18.62
CA ASN B 216 -4.49 8.39 -18.14
C ASN B 216 -5.33 8.95 -19.28
N HIS B 217 -6.61 8.66 -19.25
CA HIS B 217 -7.52 9.29 -20.19
C HIS B 217 -8.45 10.25 -19.47
N PHE B 218 -8.19 11.54 -19.64
CA PHE B 218 -9.03 12.54 -19.01
C PHE B 218 -10.22 12.80 -19.90
N LEU B 219 -11.39 12.89 -19.29
CA LEU B 219 -12.60 13.26 -19.99
C LEU B 219 -12.39 14.53 -20.83
N GLN B 220 -11.82 15.57 -20.22
CA GLN B 220 -11.41 16.78 -20.94
C GLN B 220 -9.93 16.67 -21.33
N PRO B 221 -9.58 17.04 -22.57
CA PRO B 221 -8.18 17.01 -22.97
C PRO B 221 -7.31 17.94 -22.11
N LEU B 222 -6.34 17.37 -21.40
CA LEU B 222 -5.51 18.16 -20.49
C LEU B 222 -4.14 17.52 -20.25
N ASP B 223 -3.15 18.37 -19.99
CA ASP B 223 -1.77 17.94 -19.75
C ASP B 223 -1.54 17.51 -18.29
N ARG B 224 -1.19 16.24 -18.12
CA ARG B 224 -0.99 15.61 -16.81
C ARG B 224 0.25 16.15 -16.05
N TYR B 225 1.29 16.53 -16.80
CA TYR B 225 2.42 17.26 -16.21
C TYR B 225 2.39 18.73 -16.63
N ASN B 226 3.04 19.57 -15.82
CA ASN B 226 3.18 21.00 -16.10
C ASN B 226 4.61 21.34 -16.53
N LEU B 227 4.76 22.40 -17.33
CA LEU B 227 6.08 23.02 -17.54
C LEU B 227 6.38 23.93 -16.35
N ILE B 228 7.67 24.12 -16.07
CA ILE B 228 8.06 24.84 -14.85
C ILE B 228 8.77 26.16 -15.12
N ASP B 229 8.23 27.21 -14.52
CA ASP B 229 8.88 28.51 -14.44
C ASP B 229 9.94 28.43 -13.34
N GLU B 230 11.20 28.31 -13.76
CA GLU B 230 12.31 28.16 -12.82
C GLU B 230 12.71 29.50 -12.18
N ASP B 231 11.85 29.99 -11.30
CA ASP B 231 12.01 31.32 -10.70
C ASP B 231 12.85 31.34 -9.43
N GLU B 232 13.20 30.15 -8.93
CA GLU B 232 14.05 30.02 -7.73
C GLU B 232 14.59 28.59 -7.68
N PRO B 233 15.72 28.38 -6.96
CA PRO B 233 16.34 27.05 -7.00
C PRO B 233 15.43 25.95 -6.43
N ALA B 234 15.44 24.80 -7.09
CA ALA B 234 14.64 23.65 -6.68
C ALA B 234 15.19 23.06 -5.38
N GLN B 235 14.30 22.84 -4.41
CA GLN B 235 14.70 22.17 -3.17
C GLN B 235 14.67 20.66 -3.28
N LEU B 236 13.81 20.16 -4.18
CA LEU B 236 13.65 18.74 -4.42
C LEU B 236 13.49 18.51 -5.93
N VAL B 237 13.60 17.25 -6.35
CA VAL B 237 13.47 16.86 -7.76
C VAL B 237 12.13 16.15 -7.95
N LEU B 238 11.43 16.48 -9.04
CA LEU B 238 10.16 15.80 -9.34
C LEU B 238 10.43 14.53 -10.12
N CYS B 239 9.52 13.58 -10.06
CA CYS B 239 9.70 12.26 -10.68
C CYS B 239 9.81 12.28 -12.21
N ASN B 240 9.35 13.36 -12.83
CA ASN B 240 9.44 13.48 -14.29
C ASN B 240 10.64 14.29 -14.78
N GLU B 241 11.54 14.63 -13.88
CA GLU B 241 12.67 15.49 -14.28
C GLU B 241 14.03 14.95 -13.87
N TYR B 242 14.14 13.63 -13.78
CA TYR B 242 15.38 12.95 -13.42
C TYR B 242 16.42 12.94 -14.55
N ARG B 243 15.95 13.08 -15.78
CA ARG B 243 16.79 12.88 -16.98
C ARG B 243 18.24 13.40 -16.92
N GLN B 244 18.46 14.56 -16.31
CA GLN B 244 19.84 15.07 -16.19
C GLN B 244 20.61 14.56 -14.96
N PHE B 245 19.98 13.72 -14.15
CA PHE B 245 20.61 13.14 -12.95
C PHE B 245 20.99 11.66 -13.14
N ARG B 246 20.70 11.12 -14.32
CA ARG B 246 21.00 9.72 -14.62
C ARG B 246 22.17 9.53 -15.60
#